data_4YBH
#
_entry.id   4YBH
#
_cell.length_a   75.980
_cell.length_b   112.530
_cell.length_c   139.890
_cell.angle_alpha   90.00
_cell.angle_beta   90.00
_cell.angle_gamma   90.00
#
_symmetry.space_group_name_H-M   'I 2 2 2'
#
loop_
_entity.id
_entity.type
_entity.pdbx_description
1 polymer 'Advanced glycosylation end product-specific receptor'
2 polymer 'Protein S100-A6'
3 non-polymer 'ZINC ION'
4 non-polymer 'CHLORIDE ION'
5 non-polymer 'ACETATE ION'
6 non-polymer 'CALCIUM ION'
7 water water
#
loop_
_entity_poly.entity_id
_entity_poly.type
_entity_poly.pdbx_seq_one_letter_code
_entity_poly.pdbx_strand_id
1 'polypeptide(L)'
;GAMAQNITARIGEPLVLKCKGAPKKPPQRLEWKLNTGRTEAWKVLSPQGGGPWDSVARVLPNGSLFLPAVGIQDEGIFRC
QAMNRNGKETKSNYRVRVYQIPGKPEIVDSASELTAGVPNKVGTCVSEGSYPAGTLSWHLDGKPLVPNEKGVSVKEQTRR
HPETGLFTLQSELMVTPARGGDPRPTFSCSFSPGLPRHRALRTAPIQPRVWEPVPLEEVQLVVEPEGGAVAPGGTVTLTC
EVPAQPSPQIHWMKDGVPLPLPPSPVLILPEIGPQDQGTYSCVATHSSHGPQESRAVSISIIEP
;
A
2 'polypeptide(L)'
;GAMACPLDQAIGLLVAIFHKYSGREGDKHTLSKKELKELIQKELTIGSKLQDAEIARLMEDLDRNKDQEVNFQEYVTFLG
ALALIYNEALKG
;
B
#
loop_
_chem_comp.id
_chem_comp.type
_chem_comp.name
_chem_comp.formula
ACT non-polymer 'ACETATE ION' 'C2 H3 O2 -1'
CA non-polymer 'CALCIUM ION' 'Ca 2'
CL non-polymer 'CHLORIDE ION' 'Cl -1'
ZN non-polymer 'ZINC ION' 'Zn 2'
#
# COMPACT_ATOMS: atom_id res chain seq x y z
N ALA A 2 -29.96 -26.43 -19.88
CA ALA A 2 -30.64 -27.63 -19.41
C ALA A 2 -32.13 -27.39 -19.29
N MET A 3 -32.84 -28.34 -18.67
CA MET A 3 -34.26 -28.19 -18.42
C MET A 3 -34.49 -27.16 -17.32
N ALA A 4 -33.60 -27.16 -16.33
CA ALA A 4 -33.69 -26.25 -15.21
C ALA A 4 -33.17 -24.86 -15.59
N GLN A 5 -34.01 -23.85 -15.36
CA GLN A 5 -33.64 -22.47 -15.64
C GLN A 5 -32.96 -21.86 -14.41
N ASN A 6 -31.74 -21.36 -14.61
CA ASN A 6 -31.00 -20.73 -13.53
C ASN A 6 -31.53 -19.34 -13.21
N ILE A 7 -31.96 -19.16 -11.97
CA ILE A 7 -32.47 -17.89 -11.49
C ILE A 7 -31.50 -17.26 -10.51
N THR A 8 -31.19 -15.99 -10.72
CA THR A 8 -30.28 -15.26 -9.84
C THR A 8 -30.98 -14.05 -9.23
N ALA A 9 -31.21 -14.11 -7.93
CA ALA A 9 -31.96 -13.06 -7.25
C ALA A 9 -31.13 -12.39 -6.17
N ARG A 10 -31.36 -11.10 -5.96
CA ARG A 10 -30.65 -10.34 -4.95
C ARG A 10 -31.28 -10.52 -3.57
N ILE A 11 -30.46 -10.87 -2.59
CA ILE A 11 -30.90 -11.01 -1.21
C ILE A 11 -31.67 -9.78 -0.71
N GLY A 12 -32.83 -10.01 -0.10
CA GLY A 12 -33.62 -8.92 0.47
C GLY A 12 -34.60 -8.33 -0.51
N GLU A 13 -34.63 -8.89 -1.72
CA GLU A 13 -35.49 -8.39 -2.79
C GLU A 13 -36.57 -9.41 -3.14
N PRO A 14 -37.73 -8.92 -3.62
CA PRO A 14 -38.82 -9.82 -4.03
C PRO A 14 -38.47 -10.65 -5.25
N LEU A 15 -39.01 -11.86 -5.32
CA LEU A 15 -38.81 -12.74 -6.46
C LEU A 15 -40.11 -13.39 -6.87
N VAL A 16 -40.38 -13.42 -8.18
CA VAL A 16 -41.56 -14.08 -8.71
C VAL A 16 -41.16 -15.20 -9.68
N LEU A 17 -41.66 -16.40 -9.42
CA LEU A 17 -41.38 -17.53 -10.29
C LEU A 17 -42.64 -17.96 -11.04
N LYS A 18 -42.61 -17.84 -12.37
CA LYS A 18 -43.78 -18.15 -13.19
C LYS A 18 -44.06 -19.64 -13.24
N CYS A 19 -45.33 -20.02 -13.10
CA CYS A 19 -45.75 -21.38 -13.37
C CYS A 19 -46.26 -21.44 -14.80
N LYS A 20 -45.35 -21.67 -15.73
CA LYS A 20 -45.66 -21.61 -17.15
C LYS A 20 -46.78 -22.58 -17.53
N GLY A 21 -47.65 -22.14 -18.45
CA GLY A 21 -48.74 -22.96 -18.93
C GLY A 21 -49.85 -23.17 -17.91
N ALA A 22 -50.08 -22.17 -17.07
CA ALA A 22 -51.13 -22.25 -16.06
C ALA A 22 -52.20 -21.19 -16.30
N PRO A 23 -53.48 -21.56 -16.15
CA PRO A 23 -54.59 -20.63 -16.35
C PRO A 23 -54.51 -19.43 -15.40
N LYS A 24 -54.83 -18.25 -15.92
CA LYS A 24 -54.79 -17.03 -15.13
C LYS A 24 -55.82 -17.03 -14.00
N LYS A 25 -56.91 -17.75 -14.20
CA LYS A 25 -58.02 -17.76 -13.25
C LYS A 25 -58.41 -19.19 -12.88
N PRO A 26 -59.05 -19.36 -11.71
CA PRO A 26 -59.55 -20.70 -11.34
C PRO A 26 -60.67 -21.15 -12.28
N PRO A 27 -60.81 -22.46 -12.50
CA PRO A 27 -60.02 -23.54 -11.88
C PRO A 27 -58.63 -23.72 -12.49
N GLN A 28 -57.64 -23.98 -11.63
CA GLN A 28 -56.29 -24.30 -12.07
C GLN A 28 -55.88 -25.64 -11.52
N ARG A 29 -55.03 -26.36 -12.26
CA ARG A 29 -54.50 -27.62 -11.77
C ARG A 29 -52.98 -27.57 -11.76
N LEU A 30 -52.43 -26.85 -10.79
CA LEU A 30 -50.99 -26.67 -10.68
C LEU A 30 -50.50 -26.99 -9.26
N GLU A 31 -49.25 -27.43 -9.18
CA GLU A 31 -48.67 -27.75 -7.88
C GLU A 31 -47.19 -27.36 -7.84
N TRP A 32 -46.82 -26.64 -6.78
CA TRP A 32 -45.43 -26.27 -6.57
C TRP A 32 -44.72 -27.26 -5.65
N LYS A 33 -43.57 -27.74 -6.09
CA LYS A 33 -42.70 -28.56 -5.24
C LYS A 33 -41.34 -27.90 -5.15
N LEU A 34 -40.83 -27.74 -3.94
CA LEU A 34 -39.53 -27.10 -3.76
C LEU A 34 -38.64 -27.83 -2.75
N ASN A 35 -37.35 -27.55 -2.82
CA ASN A 35 -36.38 -28.09 -1.88
C ASN A 35 -35.27 -27.06 -1.65
N THR A 36 -35.38 -26.34 -0.55
CA THR A 36 -34.45 -25.27 -0.24
C THR A 36 -33.69 -25.52 1.06
N GLY A 37 -32.89 -24.54 1.47
CA GLY A 37 -32.11 -24.65 2.69
C GLY A 37 -32.98 -24.60 3.94
N ARG A 38 -34.18 -24.05 3.79
CA ARG A 38 -35.14 -24.00 4.90
C ARG A 38 -35.81 -25.35 5.13
N THR A 39 -36.14 -26.04 4.04
CA THR A 39 -36.92 -27.27 4.12
C THR A 39 -36.02 -28.50 4.29
N GLU A 40 -34.84 -28.47 3.68
CA GLU A 40 -33.91 -29.59 3.72
C GLU A 40 -34.56 -30.88 3.23
N ALA A 41 -35.59 -30.72 2.41
CA ALA A 41 -36.38 -31.83 1.90
C ALA A 41 -37.36 -31.33 0.85
N TRP A 42 -37.88 -32.25 0.06
CA TRP A 42 -38.92 -31.90 -0.92
C TRP A 42 -40.25 -31.67 -0.21
N LYS A 43 -40.80 -30.47 -0.38
CA LYS A 43 -42.07 -30.13 0.22
C LYS A 43 -43.04 -29.61 -0.84
N VAL A 44 -44.32 -29.92 -0.67
CA VAL A 44 -45.36 -29.32 -1.50
C VAL A 44 -45.76 -27.98 -0.89
N LEU A 45 -45.85 -26.94 -1.71
CA LEU A 45 -46.23 -25.63 -1.22
C LEU A 45 -47.70 -25.34 -1.54
N SER A 46 -48.56 -25.46 -0.54
CA SER A 46 -49.99 -25.28 -0.73
C SER A 46 -50.33 -23.86 -1.15
N PRO A 47 -51.31 -23.71 -2.06
CA PRO A 47 -51.77 -22.40 -2.52
C PRO A 47 -52.63 -21.68 -1.48
N GLN A 48 -53.07 -22.41 -0.46
CA GLN A 48 -53.90 -21.83 0.58
C GLN A 48 -53.10 -20.90 1.49
N GLY A 49 -53.76 -19.85 1.97
CA GLY A 49 -53.12 -18.88 2.85
C GLY A 49 -52.89 -19.43 4.23
N GLY A 50 -51.88 -18.91 4.91
CA GLY A 50 -51.58 -19.31 6.28
C GLY A 50 -50.83 -20.61 6.38
N GLY A 51 -50.16 -21.01 5.30
CA GLY A 51 -49.35 -22.21 5.30
C GLY A 51 -48.11 -22.03 6.18
N PRO A 52 -47.34 -23.11 6.37
CA PRO A 52 -46.13 -23.11 7.18
C PRO A 52 -45.08 -22.12 6.69
N TRP A 53 -45.08 -21.84 5.39
CA TRP A 53 -44.09 -20.96 4.77
C TRP A 53 -44.72 -19.66 4.27
N ASP A 54 -45.93 -19.38 4.72
CA ASP A 54 -46.71 -18.26 4.18
C ASP A 54 -46.04 -16.89 4.42
N SER A 55 -45.05 -16.85 5.30
CA SER A 55 -44.33 -15.61 5.55
C SER A 55 -43.11 -15.48 4.64
N VAL A 56 -42.75 -16.56 3.97
CA VAL A 56 -41.56 -16.60 3.12
C VAL A 56 -41.91 -16.78 1.65
N ALA A 57 -42.84 -17.68 1.37
CA ALA A 57 -43.27 -17.94 -0.01
C ALA A 57 -44.76 -18.20 -0.08
N ARG A 58 -45.42 -17.58 -1.05
CA ARG A 58 -46.85 -17.73 -1.23
C ARG A 58 -47.21 -17.90 -2.70
N VAL A 59 -48.19 -18.75 -2.99
CA VAL A 59 -48.67 -18.94 -4.34
C VAL A 59 -49.66 -17.84 -4.70
N LEU A 60 -49.42 -17.17 -5.82
CA LEU A 60 -50.30 -16.10 -6.29
C LEU A 60 -51.52 -16.65 -6.99
N PRO A 61 -52.59 -15.84 -7.10
CA PRO A 61 -53.80 -16.25 -7.84
C PRO A 61 -53.52 -16.75 -9.25
N ASN A 62 -52.52 -16.19 -9.93
CA ASN A 62 -52.22 -16.62 -11.28
C ASN A 62 -51.31 -17.85 -11.31
N GLY A 63 -51.00 -18.38 -10.14
CA GLY A 63 -50.21 -19.59 -10.02
C GLY A 63 -48.72 -19.35 -9.84
N SER A 64 -48.29 -18.11 -10.01
CA SER A 64 -46.89 -17.77 -9.83
C SER A 64 -46.50 -17.84 -8.36
N LEU A 65 -45.25 -18.22 -8.11
CA LEU A 65 -44.74 -18.28 -6.75
C LEU A 65 -44.09 -16.96 -6.38
N PHE A 66 -44.43 -16.43 -5.21
CA PHE A 66 -43.95 -15.13 -4.75
C PHE A 66 -43.17 -15.21 -3.44
N LEU A 67 -41.92 -14.76 -3.49
CA LEU A 67 -41.10 -14.60 -2.28
C LEU A 67 -40.82 -13.11 -2.07
N PRO A 68 -41.42 -12.52 -1.03
CA PRO A 68 -41.32 -11.07 -0.78
C PRO A 68 -39.91 -10.57 -0.45
N ALA A 69 -39.10 -11.40 0.21
CA ALA A 69 -37.73 -11.02 0.56
C ALA A 69 -36.83 -12.25 0.57
N VAL A 70 -36.19 -12.53 -0.56
CA VAL A 70 -35.45 -13.79 -0.70
C VAL A 70 -34.21 -13.80 0.20
N GLY A 71 -33.87 -14.98 0.70
CA GLY A 71 -32.74 -15.13 1.60
C GLY A 71 -31.80 -16.22 1.13
N ILE A 72 -30.64 -16.31 1.79
CA ILE A 72 -29.65 -17.34 1.45
C ILE A 72 -30.26 -18.73 1.57
N GLN A 73 -31.11 -18.93 2.58
CA GLN A 73 -31.71 -20.23 2.83
C GLN A 73 -32.74 -20.64 1.78
N ASP A 74 -33.12 -19.69 0.93
CA ASP A 74 -34.11 -19.95 -0.12
C ASP A 74 -33.47 -20.54 -1.38
N GLU A 75 -32.15 -20.65 -1.37
CA GLU A 75 -31.44 -21.29 -2.47
C GLU A 75 -31.84 -22.75 -2.57
N GLY A 76 -32.14 -23.20 -3.79
CA GLY A 76 -32.56 -24.57 -4.00
C GLY A 76 -33.33 -24.75 -5.30
N ILE A 77 -34.16 -25.79 -5.35
CA ILE A 77 -34.90 -26.12 -6.57
C ILE A 77 -36.39 -25.85 -6.43
N PHE A 78 -36.95 -25.15 -7.42
CA PHE A 78 -38.37 -24.84 -7.43
C PHE A 78 -39.02 -25.41 -8.69
N ARG A 79 -40.04 -26.24 -8.52
CA ARG A 79 -40.71 -26.87 -9.65
C ARG A 79 -42.22 -26.68 -9.63
N CYS A 80 -42.77 -26.22 -10.74
CA CYS A 80 -44.22 -26.15 -10.90
C CYS A 80 -44.68 -27.11 -11.98
N GLN A 81 -45.75 -27.84 -11.69
CA GLN A 81 -46.36 -28.75 -12.65
C GLN A 81 -47.79 -28.30 -12.89
N ALA A 82 -48.10 -27.90 -14.11
CA ALA A 82 -49.42 -27.33 -14.40
C ALA A 82 -50.11 -28.01 -15.58
N MET A 83 -51.43 -28.10 -15.51
CA MET A 83 -52.24 -28.58 -16.62
C MET A 83 -53.02 -27.41 -17.22
N ASN A 84 -52.81 -27.13 -18.51
CA ASN A 84 -53.61 -26.12 -19.18
C ASN A 84 -55.07 -26.55 -19.26
N ARG A 85 -55.92 -25.70 -19.81
CA ARG A 85 -57.34 -26.02 -19.88
C ARG A 85 -57.66 -26.89 -21.09
N ASN A 86 -56.72 -26.94 -22.04
CA ASN A 86 -56.87 -27.76 -23.24
C ASN A 86 -57.02 -29.28 -22.98
N GLY A 87 -56.12 -29.91 -22.20
CA GLY A 87 -55.00 -29.29 -21.51
C GLY A 87 -53.83 -30.24 -21.30
N LYS A 88 -52.64 -29.82 -21.71
CA LYS A 88 -51.45 -30.65 -21.58
C LYS A 88 -50.58 -30.19 -20.40
N GLU A 89 -49.96 -31.16 -19.73
CA GLU A 89 -49.06 -30.89 -18.62
C GLU A 89 -47.89 -30.00 -19.03
N THR A 90 -47.68 -28.92 -18.25
CA THR A 90 -46.57 -28.02 -18.48
C THR A 90 -45.69 -27.93 -17.23
N LYS A 91 -44.37 -28.04 -17.41
CA LYS A 91 -43.45 -28.04 -16.29
C LYS A 91 -42.56 -26.81 -16.28
N SER A 92 -42.28 -26.31 -15.08
CA SER A 92 -41.36 -25.19 -14.89
C SER A 92 -40.33 -25.57 -13.83
N ASN A 93 -39.06 -25.59 -14.22
CA ASN A 93 -38.00 -26.00 -13.30
C ASN A 93 -36.98 -24.88 -13.10
N TYR A 94 -36.91 -24.36 -11.87
CA TYR A 94 -36.00 -23.27 -11.55
C TYR A 94 -34.95 -23.67 -10.53
N ARG A 95 -33.70 -23.28 -10.78
CA ARG A 95 -32.64 -23.41 -9.80
C ARG A 95 -32.26 -22.03 -9.29
N VAL A 96 -32.64 -21.72 -8.06
CA VAL A 96 -32.46 -20.37 -7.52
C VAL A 96 -31.17 -20.21 -6.72
N ARG A 97 -30.32 -19.28 -7.16
CA ARG A 97 -29.15 -18.88 -6.41
C ARG A 97 -29.28 -17.39 -6.07
N VAL A 98 -28.77 -16.99 -4.90
CA VAL A 98 -28.89 -15.61 -4.47
C VAL A 98 -27.54 -14.92 -4.32
N TYR A 99 -27.56 -13.61 -4.15
CA TYR A 99 -26.32 -12.85 -4.02
C TYR A 99 -26.51 -11.54 -3.26
N GLN A 100 -25.41 -11.00 -2.75
CA GLN A 100 -25.39 -9.64 -2.22
C GLN A 100 -24.08 -8.97 -2.59
N ILE A 101 -24.17 -7.70 -2.99
CA ILE A 101 -22.98 -6.91 -3.31
C ILE A 101 -22.52 -6.14 -2.08
N PRO A 102 -21.24 -6.31 -1.70
CA PRO A 102 -20.71 -5.60 -0.54
C PRO A 102 -20.56 -4.10 -0.83
N GLY A 103 -20.25 -3.31 0.20
CA GLY A 103 -19.94 -1.91 -0.01
C GLY A 103 -18.59 -1.80 -0.67
N LYS A 104 -18.23 -0.60 -1.12
CA LYS A 104 -16.93 -0.36 -1.73
C LYS A 104 -15.81 -0.89 -0.83
N PRO A 105 -14.88 -1.66 -1.41
CA PRO A 105 -13.74 -2.16 -0.64
C PRO A 105 -12.85 -1.01 -0.15
N GLU A 106 -12.14 -1.23 0.95
CA GLU A 106 -11.25 -0.21 1.52
C GLU A 106 -9.83 -0.76 1.65
N ILE A 107 -8.84 0.12 1.54
CA ILE A 107 -7.48 -0.23 1.90
C ILE A 107 -7.17 0.36 3.28
N VAL A 108 -6.95 -0.50 4.27
CA VAL A 108 -6.71 -0.04 5.63
C VAL A 108 -5.26 -0.25 6.03
N ASP A 109 -4.76 0.62 6.91
CA ASP A 109 -3.39 0.57 7.41
C ASP A 109 -2.37 0.49 6.28
N SER A 110 -2.50 1.42 5.33
CA SER A 110 -1.59 1.48 4.19
C SER A 110 -0.34 2.30 4.51
N ALA A 111 0.78 1.88 3.92
CA ALA A 111 2.07 2.50 4.20
C ALA A 111 2.32 3.73 3.34
N SER A 112 2.76 4.82 3.96
CA SER A 112 3.13 6.03 3.24
C SER A 112 4.48 5.87 2.53
N GLU A 113 5.38 5.12 3.15
CA GLU A 113 6.74 4.97 2.66
C GLU A 113 7.12 3.49 2.65
N LEU A 114 7.66 3.02 1.52
CA LEU A 114 8.16 1.66 1.43
C LEU A 114 9.68 1.66 1.49
N THR A 115 10.25 0.61 2.06
CA THR A 115 11.70 0.47 2.13
C THR A 115 12.19 -0.52 1.07
N ALA A 116 12.99 -0.04 0.14
CA ALA A 116 13.52 -0.87 -0.93
C ALA A 116 14.45 -1.96 -0.38
N GLY A 117 14.38 -3.15 -0.97
CA GLY A 117 15.27 -4.24 -0.62
C GLY A 117 14.74 -5.17 0.45
N VAL A 118 13.62 -4.80 1.07
CA VAL A 118 13.02 -5.62 2.11
C VAL A 118 11.50 -5.70 1.95
N PRO A 119 10.88 -6.76 2.51
CA PRO A 119 9.42 -6.88 2.46
C PRO A 119 8.71 -5.73 3.19
N ASN A 120 7.65 -5.23 2.57
CA ASN A 120 6.80 -4.20 3.16
C ASN A 120 5.34 -4.57 3.06
N LYS A 121 4.58 -4.35 4.13
CA LYS A 121 3.13 -4.47 4.05
C LYS A 121 2.58 -3.18 3.46
N VAL A 122 2.13 -3.25 2.21
CA VAL A 122 1.57 -2.08 1.52
C VAL A 122 0.26 -1.67 2.17
N GLY A 123 -0.54 -2.66 2.56
CA GLY A 123 -1.83 -2.40 3.17
C GLY A 123 -2.72 -3.63 3.12
N THR A 124 -3.89 -3.52 3.72
CA THR A 124 -4.83 -4.63 3.72
C THR A 124 -6.16 -4.21 3.12
N CYS A 125 -6.52 -4.84 2.00
CA CYS A 125 -7.80 -4.60 1.37
C CYS A 125 -8.89 -5.36 2.12
N VAL A 126 -10.00 -4.71 2.40
CA VAL A 126 -11.09 -5.31 3.14
C VAL A 126 -12.42 -5.16 2.39
N SER A 127 -13.21 -6.23 2.40
CA SER A 127 -14.53 -6.22 1.79
C SER A 127 -15.54 -6.83 2.76
N GLU A 128 -16.62 -6.11 3.04
CA GLU A 128 -17.61 -6.58 4.02
C GLU A 128 -19.03 -6.67 3.46
N GLY A 129 -19.65 -7.83 3.62
CA GLY A 129 -21.06 -7.98 3.32
C GLY A 129 -21.39 -8.60 1.98
N SER A 130 -20.61 -9.59 1.56
CA SER A 130 -20.82 -10.21 0.24
C SER A 130 -21.40 -11.62 0.33
N TYR A 131 -22.13 -12.00 -0.71
CA TYR A 131 -22.55 -13.38 -0.92
C TYR A 131 -22.72 -13.63 -2.41
N PRO A 132 -22.08 -14.69 -2.94
CA PRO A 132 -21.12 -15.54 -2.23
C PRO A 132 -19.82 -14.78 -1.95
N ALA A 133 -18.83 -15.45 -1.38
CA ALA A 133 -17.60 -14.80 -0.91
C ALA A 133 -17.05 -13.76 -1.88
N GLY A 134 -16.79 -14.18 -3.11
CA GLY A 134 -16.14 -13.32 -4.09
C GLY A 134 -14.64 -13.36 -3.89
N THR A 135 -13.92 -12.50 -4.59
CA THR A 135 -12.46 -12.46 -4.50
C THR A 135 -11.93 -11.04 -4.52
N LEU A 136 -10.79 -10.84 -3.89
CA LEU A 136 -10.08 -9.57 -3.93
C LEU A 136 -8.81 -9.70 -4.77
N SER A 137 -8.54 -8.70 -5.62
CA SER A 137 -7.31 -8.70 -6.39
C SER A 137 -6.69 -7.31 -6.40
N TRP A 138 -5.40 -7.23 -6.74
CA TRP A 138 -4.68 -5.97 -6.71
C TRP A 138 -4.29 -5.45 -8.09
N HIS A 139 -4.15 -4.12 -8.19
CA HIS A 139 -3.65 -3.47 -9.38
C HIS A 139 -2.39 -2.67 -9.06
N LEU A 140 -1.42 -2.71 -9.96
CA LEU A 140 -0.20 -1.92 -9.83
C LEU A 140 0.03 -1.09 -11.09
N ASP A 141 0.12 0.23 -10.92
CA ASP A 141 0.27 1.17 -12.05
C ASP A 141 -0.75 0.94 -13.16
N GLY A 142 -2.00 0.69 -12.79
CA GLY A 142 -3.06 0.56 -13.77
C GLY A 142 -3.18 -0.81 -14.40
N LYS A 143 -2.37 -1.75 -13.91
CA LYS A 143 -2.33 -3.10 -14.46
C LYS A 143 -2.46 -4.15 -13.35
N PRO A 144 -3.00 -5.33 -13.69
CA PRO A 144 -3.20 -6.39 -12.68
C PRO A 144 -1.89 -6.83 -12.04
N LEU A 145 -1.86 -6.92 -10.72
CA LEU A 145 -0.66 -7.34 -10.00
C LEU A 145 -0.74 -8.81 -9.63
N VAL A 146 0.13 -9.62 -10.24
CA VAL A 146 0.13 -11.06 -10.00
C VAL A 146 1.06 -11.42 -8.83
N PRO A 147 0.57 -12.28 -7.92
CA PRO A 147 1.26 -12.64 -6.67
C PRO A 147 2.39 -13.66 -6.85
N ASN A 148 3.27 -13.74 -5.84
CA ASN A 148 4.39 -14.69 -5.77
C ASN A 148 5.39 -14.60 -6.93
N GLU A 149 5.19 -13.63 -7.82
CA GLU A 149 6.21 -13.23 -8.78
C GLU A 149 7.01 -12.11 -8.12
N LYS A 150 8.22 -11.85 -8.62
CA LYS A 150 9.06 -10.78 -8.09
C LYS A 150 9.36 -11.01 -6.61
N GLY A 151 8.70 -10.21 -5.76
CA GLY A 151 8.78 -10.35 -4.31
C GLY A 151 7.43 -9.91 -3.78
N VAL A 152 6.42 -10.07 -4.65
CA VAL A 152 5.06 -9.70 -4.33
C VAL A 152 4.31 -10.89 -3.75
N SER A 153 3.84 -10.77 -2.51
CA SER A 153 3.09 -11.85 -1.87
C SER A 153 1.80 -11.31 -1.27
N VAL A 154 0.79 -12.18 -1.18
CA VAL A 154 -0.51 -11.78 -0.65
C VAL A 154 -0.99 -12.78 0.41
N LYS A 155 -1.42 -12.27 1.55
CA LYS A 155 -2.03 -13.11 2.58
C LYS A 155 -3.54 -12.89 2.57
N GLU A 156 -4.28 -13.92 2.19
CA GLU A 156 -5.73 -13.81 2.05
C GLU A 156 -6.47 -14.58 3.14
N GLN A 157 -7.65 -14.09 3.50
CA GLN A 157 -8.53 -14.85 4.38
C GLN A 157 -9.99 -14.50 4.13
N THR A 158 -10.85 -15.47 4.40
CA THR A 158 -12.29 -15.33 4.22
C THR A 158 -13.00 -15.69 5.52
N ARG A 159 -13.93 -14.84 5.95
CA ARG A 159 -14.68 -15.12 7.16
C ARG A 159 -16.18 -14.94 6.94
N ARG A 160 -16.95 -15.92 7.41
CA ARG A 160 -18.40 -15.87 7.31
C ARG A 160 -19.04 -15.42 8.61
N HIS A 161 -19.97 -14.49 8.52
CA HIS A 161 -20.76 -14.05 9.67
C HIS A 161 -22.00 -14.93 9.83
N PRO A 162 -22.06 -15.73 10.91
CA PRO A 162 -23.18 -16.66 11.12
C PRO A 162 -24.49 -15.91 11.31
N GLU A 163 -24.38 -14.65 11.73
CA GLU A 163 -25.52 -13.79 11.99
C GLU A 163 -26.32 -13.43 10.73
N THR A 164 -25.65 -13.44 9.56
CA THR A 164 -26.29 -13.07 8.31
C THR A 164 -25.88 -13.96 7.14
N GLY A 165 -24.81 -14.73 7.31
CA GLY A 165 -24.33 -15.60 6.26
C GLY A 165 -23.46 -14.88 5.24
N LEU A 166 -23.22 -13.60 5.48
CA LEU A 166 -22.41 -12.79 4.57
C LEU A 166 -20.93 -12.95 4.88
N PHE A 167 -20.08 -12.57 3.93
CA PHE A 167 -18.64 -12.81 4.04
C PHE A 167 -17.82 -11.53 4.25
N THR A 168 -16.72 -11.67 4.98
CA THR A 168 -15.73 -10.60 5.09
C THR A 168 -14.43 -11.09 4.48
N LEU A 169 -13.90 -10.34 3.53
CA LEU A 169 -12.67 -10.72 2.84
C LEU A 169 -11.53 -9.79 3.21
N GLN A 170 -10.33 -10.35 3.34
CA GLN A 170 -9.14 -9.56 3.60
C GLN A 170 -7.99 -10.00 2.71
N SER A 171 -7.32 -9.03 2.10
CA SER A 171 -6.15 -9.30 1.29
C SER A 171 -4.99 -8.39 1.67
N GLU A 172 -3.97 -8.97 2.30
CA GLU A 172 -2.80 -8.23 2.73
C GLU A 172 -1.68 -8.30 1.71
N LEU A 173 -1.34 -7.16 1.11
CA LEU A 173 -0.31 -7.12 0.08
C LEU A 173 1.08 -6.89 0.64
N MET A 174 2.02 -7.71 0.21
CA MET A 174 3.41 -7.60 0.65
C MET A 174 4.34 -7.50 -0.56
N VAL A 175 5.13 -6.43 -0.62
CA VAL A 175 6.05 -6.28 -1.73
C VAL A 175 7.47 -5.97 -1.25
N THR A 176 8.44 -6.37 -2.07
CA THR A 176 9.83 -6.02 -1.84
C THR A 176 10.32 -5.19 -3.01
N PRO A 177 10.31 -3.86 -2.87
CA PRO A 177 10.73 -2.96 -3.94
C PRO A 177 12.19 -3.17 -4.29
N ALA A 178 12.47 -3.37 -5.58
CA ALA A 178 13.84 -3.52 -6.03
C ALA A 178 14.52 -2.16 -6.12
N ARG A 179 15.79 -2.10 -5.74
CA ARG A 179 16.53 -0.85 -5.82
C ARG A 179 16.62 -0.39 -7.27
N GLY A 180 16.43 0.91 -7.48
CA GLY A 180 16.39 1.46 -8.82
C GLY A 180 15.02 1.35 -9.45
N GLY A 181 14.01 1.04 -8.65
CA GLY A 181 12.67 0.89 -9.16
C GLY A 181 11.82 2.15 -9.06
N ASP A 182 10.56 2.04 -9.48
CA ASP A 182 9.57 3.11 -9.37
C ASP A 182 9.59 3.79 -8.02
N PRO A 183 9.90 5.10 -7.98
CA PRO A 183 9.91 5.86 -6.72
C PRO A 183 8.52 6.11 -6.15
N ARG A 184 7.48 5.85 -6.94
CA ARG A 184 6.11 6.05 -6.47
C ARG A 184 5.12 5.05 -7.07
N PRO A 185 5.21 3.78 -6.66
CA PRO A 185 4.29 2.78 -7.18
C PRO A 185 2.85 3.10 -6.79
N THR A 186 1.91 2.81 -7.67
CA THR A 186 0.50 3.09 -7.40
C THR A 186 -0.30 1.79 -7.32
N PHE A 187 -0.93 1.58 -6.17
CA PHE A 187 -1.71 0.36 -5.94
C PHE A 187 -3.20 0.65 -5.82
N SER A 188 -4.01 -0.33 -6.20
CA SER A 188 -5.44 -0.28 -5.91
C SER A 188 -5.96 -1.69 -5.75
N CYS A 189 -7.14 -1.81 -5.15
CA CYS A 189 -7.72 -3.12 -4.90
C CYS A 189 -9.14 -3.20 -5.47
N SER A 190 -9.52 -4.38 -5.94
CA SER A 190 -10.85 -4.56 -6.50
C SER A 190 -11.54 -5.81 -5.97
N PHE A 191 -12.86 -5.73 -5.84
CA PHE A 191 -13.66 -6.89 -5.46
C PHE A 191 -14.42 -7.41 -6.67
N SER A 192 -14.25 -8.70 -6.95
CA SER A 192 -14.94 -9.34 -8.06
C SER A 192 -16.01 -10.30 -7.54
N PRO A 193 -17.30 -9.93 -7.71
CA PRO A 193 -18.40 -10.77 -7.25
C PRO A 193 -18.36 -12.15 -7.90
N GLY A 194 -18.59 -13.20 -7.12
CA GLY A 194 -18.71 -14.53 -7.68
C GLY A 194 -20.05 -14.69 -8.35
N LEU A 195 -20.99 -13.82 -7.98
CA LEU A 195 -22.34 -13.81 -8.52
C LEU A 195 -22.97 -12.45 -8.20
N PRO A 196 -23.65 -11.86 -9.19
CA PRO A 196 -23.72 -12.33 -10.57
C PRO A 196 -22.50 -11.86 -11.35
N ARG A 197 -22.55 -11.98 -12.66
CA ARG A 197 -21.54 -11.36 -13.50
C ARG A 197 -21.70 -9.85 -13.33
N HIS A 198 -20.64 -9.21 -12.86
CA HIS A 198 -20.75 -7.84 -12.36
C HIS A 198 -19.44 -7.09 -12.53
N ARG A 199 -19.53 -5.79 -12.77
CA ARG A 199 -18.33 -4.97 -12.84
C ARG A 199 -17.67 -4.91 -11.46
N ALA A 200 -16.35 -4.96 -11.46
CA ALA A 200 -15.59 -4.99 -10.21
C ALA A 200 -15.78 -3.70 -9.41
N LEU A 201 -15.75 -3.83 -8.09
CA LEU A 201 -15.79 -2.67 -7.20
C LEU A 201 -14.36 -2.29 -6.85
N ARG A 202 -13.96 -1.08 -7.18
CA ARG A 202 -12.56 -0.69 -7.09
C ARG A 202 -12.32 0.39 -6.03
N THR A 203 -11.24 0.23 -5.27
CA THR A 203 -10.84 1.22 -4.27
C THR A 203 -10.18 2.42 -4.94
N ALA A 204 -10.08 3.53 -4.21
CA ALA A 204 -9.26 4.63 -4.66
C ALA A 204 -7.80 4.18 -4.63
N PRO A 205 -6.99 4.66 -5.58
CA PRO A 205 -5.57 4.26 -5.58
C PRO A 205 -4.78 4.85 -4.42
N ILE A 206 -3.67 4.22 -4.06
CA ILE A 206 -2.71 4.80 -3.12
C ILE A 206 -1.33 4.88 -3.79
N GLN A 207 -0.59 5.94 -3.47
CA GLN A 207 0.73 6.11 -4.05
C GLN A 207 1.79 6.26 -2.96
N PRO A 208 2.26 5.13 -2.42
CA PRO A 208 3.38 5.21 -1.47
C PRO A 208 4.68 5.59 -2.20
N ARG A 209 5.63 6.15 -1.46
CA ARG A 209 6.93 6.45 -2.01
C ARG A 209 7.91 5.34 -1.64
N VAL A 210 8.95 5.16 -2.44
CA VAL A 210 9.97 4.17 -2.12
C VAL A 210 11.27 4.85 -1.69
N TRP A 211 11.70 4.56 -0.47
CA TRP A 211 12.96 5.05 0.05
C TRP A 211 14.03 3.97 -0.10
N GLU A 212 15.16 4.36 -0.69
CA GLU A 212 16.28 3.44 -0.85
C GLU A 212 17.39 3.78 0.13
N PRO A 213 17.47 3.02 1.23
CA PRO A 213 18.46 3.25 2.30
C PRO A 213 19.87 3.11 1.77
N VAL A 214 20.74 4.06 2.13
CA VAL A 214 22.14 3.93 1.78
C VAL A 214 22.71 2.73 2.53
N PRO A 215 23.57 1.95 1.87
CA PRO A 215 24.22 0.79 2.51
C PRO A 215 24.94 1.20 3.79
N LEU A 216 24.56 0.57 4.91
CA LEU A 216 25.13 0.94 6.21
C LEU A 216 26.47 0.25 6.47
N GLU A 217 27.50 1.05 6.64
CA GLU A 217 28.82 0.53 6.97
C GLU A 217 28.96 0.31 8.47
N GLU A 218 29.67 -0.74 8.84
CA GLU A 218 29.93 -1.03 10.24
C GLU A 218 30.71 0.12 10.88
N VAL A 219 31.63 0.68 10.12
CA VAL A 219 32.38 1.86 10.56
C VAL A 219 32.13 3.00 9.57
N GLN A 220 31.47 4.05 10.05
CA GLN A 220 30.98 5.12 9.18
C GLN A 220 31.86 6.35 9.23
N LEU A 221 32.47 6.71 8.11
CA LEU A 221 33.34 7.88 8.04
C LEU A 221 32.68 9.04 7.32
N VAL A 222 32.69 10.21 7.95
CA VAL A 222 32.14 11.42 7.32
C VAL A 222 33.17 12.55 7.33
N VAL A 223 33.41 13.14 6.16
CA VAL A 223 34.39 14.20 6.03
C VAL A 223 33.73 15.52 5.59
N GLU A 224 34.02 16.59 6.32
CA GLU A 224 33.61 17.93 5.93
C GLU A 224 34.84 18.71 5.45
N PRO A 225 34.80 19.20 4.20
CA PRO A 225 33.69 19.14 3.25
C PRO A 225 33.50 17.76 2.62
N GLU A 226 32.30 17.51 2.13
CA GLU A 226 31.88 16.21 1.62
C GLU A 226 32.79 15.65 0.53
N GLY A 227 33.28 16.53 -0.33
CA GLY A 227 34.07 16.13 -1.48
C GLY A 227 35.45 15.60 -1.16
N GLY A 228 36.11 16.19 -0.16
CA GLY A 228 37.46 15.80 0.18
C GLY A 228 38.48 16.57 -0.64
N ALA A 229 38.16 17.83 -0.95
CA ALA A 229 39.05 18.70 -1.68
C ALA A 229 38.92 20.13 -1.16
N VAL A 230 40.04 20.74 -0.80
CA VAL A 230 40.02 22.05 -0.13
C VAL A 230 41.16 22.96 -0.60
N ALA A 231 40.84 24.24 -0.77
CA ALA A 231 41.83 25.27 -1.07
C ALA A 231 43.00 25.25 -0.08
N PRO A 232 44.16 25.80 -0.48
CA PRO A 232 45.32 25.81 0.42
C PRO A 232 45.01 26.45 1.78
N GLY A 233 45.47 25.83 2.85
CA GLY A 233 45.16 26.28 4.19
C GLY A 233 43.76 25.85 4.60
N GLY A 234 43.31 26.35 5.75
CA GLY A 234 41.98 25.99 6.24
C GLY A 234 42.00 24.74 7.08
N THR A 235 40.91 23.99 7.05
CA THR A 235 40.78 22.79 7.88
C THR A 235 39.85 21.74 7.26
N VAL A 236 40.25 20.48 7.37
CA VAL A 236 39.37 19.35 7.03
C VAL A 236 39.17 18.47 8.26
N THR A 237 37.91 18.22 8.60
CA THR A 237 37.60 17.41 9.77
C THR A 237 37.14 16.01 9.39
N LEU A 238 37.82 15.01 9.93
CA LEU A 238 37.44 13.62 9.71
C LEU A 238 36.77 13.05 10.95
N THR A 239 35.50 12.67 10.81
CA THR A 239 34.76 12.06 11.90
C THR A 239 34.30 10.67 11.50
N CYS A 240 34.48 9.68 12.37
CA CYS A 240 34.00 8.35 12.04
C CYS A 240 33.42 7.65 13.28
N GLU A 241 32.41 6.80 13.03
CA GLU A 241 31.54 6.30 14.11
C GLU A 241 31.26 4.80 13.96
N VAL A 242 31.13 4.11 15.09
CA VAL A 242 30.79 2.69 15.10
C VAL A 242 29.48 2.48 15.83
N PRO A 243 28.36 2.46 15.08
CA PRO A 243 26.99 2.40 15.59
C PRO A 243 26.70 1.23 16.55
N ALA A 244 27.38 0.12 16.38
CA ALA A 244 27.10 -1.07 17.17
C ALA A 244 27.95 -1.18 18.44
N GLN A 245 28.84 -0.21 18.65
CA GLN A 245 29.73 -0.22 19.82
C GLN A 245 29.58 1.03 20.67
N PRO A 246 29.39 0.85 21.99
CA PRO A 246 29.21 1.97 22.93
C PRO A 246 30.51 2.76 23.15
N SER A 247 31.65 2.07 23.18
CA SER A 247 32.93 2.73 23.41
C SER A 247 33.99 2.29 22.41
N PRO A 248 33.83 2.71 21.14
CA PRO A 248 34.74 2.26 20.08
C PRO A 248 36.14 2.84 20.23
N GLN A 249 37.15 2.05 19.90
CA GLN A 249 38.53 2.52 19.85
C GLN A 249 38.92 2.81 18.41
N ILE A 250 39.01 4.09 18.07
CA ILE A 250 39.20 4.49 16.68
C ILE A 250 40.63 4.98 16.39
N HIS A 251 41.31 4.23 15.53
CA HIS A 251 42.68 4.55 15.13
C HIS A 251 42.70 5.07 13.71
N TRP A 252 43.29 6.24 13.50
CA TRP A 252 43.30 6.88 12.19
C TRP A 252 44.45 6.41 11.32
N MET A 253 44.18 6.28 10.02
CA MET A 253 45.18 5.83 9.07
C MET A 253 45.32 6.77 7.88
N LYS A 254 46.55 6.95 7.43
CA LYS A 254 46.81 7.69 6.20
C LYS A 254 47.50 6.79 5.20
N ASP A 255 46.83 6.55 4.07
CA ASP A 255 47.33 5.68 3.01
C ASP A 255 47.64 4.27 3.54
N GLY A 256 46.70 3.70 4.27
CA GLY A 256 46.81 2.32 4.72
C GLY A 256 47.74 2.09 5.89
N VAL A 257 48.36 3.16 6.38
CA VAL A 257 49.28 3.09 7.52
C VAL A 257 48.73 3.87 8.71
N PRO A 258 48.63 3.22 9.87
CA PRO A 258 48.16 3.89 11.10
C PRO A 258 49.03 5.09 11.47
N LEU A 259 48.40 6.21 11.78
CA LEU A 259 49.11 7.42 12.17
C LEU A 259 49.58 7.35 13.64
N PRO A 260 50.73 7.96 13.94
CA PRO A 260 51.28 7.96 15.30
C PRO A 260 50.46 8.82 16.26
N LEU A 261 49.20 8.43 16.44
CA LEU A 261 48.23 9.18 17.24
C LEU A 261 47.52 8.27 18.24
N PRO A 262 47.03 8.85 19.34
CA PRO A 262 46.19 8.08 20.27
C PRO A 262 44.80 7.83 19.67
N PRO A 263 44.07 6.82 20.17
CA PRO A 263 42.71 6.56 19.70
C PRO A 263 41.81 7.78 19.84
N SER A 264 41.10 8.14 18.77
CA SER A 264 40.20 9.29 18.80
C SER A 264 39.17 9.21 17.68
N PRO A 265 37.90 9.47 18.03
CA PRO A 265 36.79 9.45 17.07
C PRO A 265 36.93 10.52 15.99
N VAL A 266 37.73 11.53 16.25
CA VAL A 266 37.88 12.64 15.31
C VAL A 266 39.34 12.94 14.97
N LEU A 267 39.55 13.39 13.73
CA LEU A 267 40.87 13.82 13.28
C LEU A 267 40.75 15.09 12.46
N ILE A 268 41.23 16.20 13.01
CA ILE A 268 41.19 17.48 12.30
C ILE A 268 42.54 17.79 11.69
N LEU A 269 42.53 18.15 10.41
CA LEU A 269 43.75 18.50 9.69
C LEU A 269 43.73 19.98 9.31
N PRO A 270 44.24 20.84 10.20
CA PRO A 270 44.25 22.28 9.95
C PRO A 270 45.45 22.70 9.10
N GLU A 271 45.36 23.87 8.46
CA GLU A 271 46.45 24.42 7.67
C GLU A 271 46.94 23.42 6.62
N ILE A 272 46.01 22.88 5.85
CA ILE A 272 46.30 21.80 4.91
C ILE A 272 47.33 22.17 3.86
N GLY A 273 48.46 21.46 3.87
CA GLY A 273 49.48 21.61 2.85
C GLY A 273 49.51 20.37 1.98
N PRO A 274 50.21 20.44 0.84
CA PRO A 274 50.34 19.33 -0.11
C PRO A 274 50.82 18.04 0.55
N GLN A 275 51.56 18.18 1.65
CA GLN A 275 52.06 17.04 2.40
C GLN A 275 50.94 16.31 3.13
N ASP A 276 49.81 16.99 3.31
CA ASP A 276 48.69 16.40 4.04
C ASP A 276 47.74 15.63 3.12
N GLN A 277 48.06 15.62 1.82
CA GLN A 277 47.23 14.91 0.84
C GLN A 277 47.45 13.41 0.91
N GLY A 278 46.40 12.65 0.65
CA GLY A 278 46.48 11.20 0.67
C GLY A 278 45.17 10.54 1.05
N THR A 279 45.16 9.21 1.01
CA THR A 279 43.97 8.44 1.34
C THR A 279 43.83 8.25 2.85
N TYR A 280 42.69 8.65 3.39
CA TYR A 280 42.44 8.54 4.82
C TYR A 280 41.32 7.56 5.16
N SER A 281 41.45 6.92 6.32
CA SER A 281 40.44 6.00 6.83
C SER A 281 40.67 5.78 8.31
N CYS A 282 39.66 5.23 8.99
CA CYS A 282 39.76 4.95 10.42
C CYS A 282 39.55 3.46 10.67
N VAL A 283 40.21 2.94 11.69
CA VAL A 283 40.09 1.52 12.03
C VAL A 283 39.56 1.34 13.45
N ALA A 284 38.43 0.66 13.57
CA ALA A 284 37.87 0.35 14.88
C ALA A 284 38.37 -1.02 15.35
N THR A 285 39.18 -1.02 16.39
CA THR A 285 39.66 -2.26 16.98
C THR A 285 38.72 -2.70 18.09
N HIS A 286 38.79 -3.97 18.44
CA HIS A 286 37.93 -4.53 19.46
C HIS A 286 38.52 -5.83 20.00
N SER A 287 38.40 -6.04 21.31
CA SER A 287 38.88 -7.25 21.94
C SER A 287 38.08 -8.46 21.44
N SER A 288 38.80 -9.55 21.17
CA SER A 288 38.21 -10.82 20.71
C SER A 288 37.57 -10.72 19.32
N HIS A 289 37.76 -9.59 18.64
CA HIS A 289 37.22 -9.39 17.30
C HIS A 289 38.25 -8.80 16.36
N GLY A 290 38.20 -9.19 15.09
CA GLY A 290 39.05 -8.62 14.07
C GLY A 290 38.70 -7.16 13.86
N PRO A 291 39.71 -6.31 13.61
CA PRO A 291 39.46 -4.88 13.40
C PRO A 291 38.61 -4.63 12.17
N GLN A 292 37.89 -3.51 12.15
CA GLN A 292 37.08 -3.13 11.01
C GLN A 292 37.53 -1.78 10.48
N GLU A 293 37.54 -1.63 9.16
CA GLU A 293 37.95 -0.37 8.54
C GLU A 293 36.77 0.33 7.89
N SER A 294 36.79 1.66 7.95
CA SER A 294 35.77 2.47 7.29
C SER A 294 36.08 2.61 5.80
N ARG A 295 35.25 3.36 5.09
CA ARG A 295 35.52 3.65 3.69
C ARG A 295 36.73 4.58 3.59
N ALA A 296 37.48 4.46 2.50
CA ALA A 296 38.66 5.29 2.30
C ALA A 296 38.27 6.61 1.65
N VAL A 297 38.74 7.71 2.23
CA VAL A 297 38.48 9.03 1.66
C VAL A 297 39.76 9.66 1.11
N SER A 298 39.67 10.17 -0.11
CA SER A 298 40.80 10.84 -0.74
C SER A 298 40.76 12.32 -0.42
N ILE A 299 41.84 12.83 0.17
CA ILE A 299 41.93 14.25 0.49
C ILE A 299 42.97 14.96 -0.38
N SER A 300 42.54 16.01 -1.06
CA SER A 300 43.43 16.75 -1.96
C SER A 300 43.30 18.26 -1.78
N ILE A 301 43.96 19.01 -2.64
CA ILE A 301 43.99 20.46 -2.56
C ILE A 301 43.77 21.07 -3.94
N ILE A 302 43.00 22.15 -4.01
CA ILE A 302 42.75 22.81 -5.28
C ILE A 302 43.29 24.24 -5.29
N GLU A 303 43.58 24.75 -6.47
CA GLU A 303 44.22 26.06 -6.62
C GLU A 303 43.27 27.08 -7.23
N ALA B 4 15.98 5.74 -16.94
CA ALA B 4 15.52 6.18 -18.25
C ALA B 4 14.56 7.35 -18.13
N CYS B 5 13.43 7.12 -17.47
CA CYS B 5 12.41 8.15 -17.29
C CYS B 5 12.94 9.30 -16.42
N PRO B 6 12.99 10.51 -16.99
CA PRO B 6 13.52 11.68 -16.29
C PRO B 6 12.67 12.04 -15.07
N LEU B 7 11.39 11.70 -15.10
CA LEU B 7 10.50 11.93 -13.97
C LEU B 7 10.88 11.02 -12.81
N ASP B 8 11.02 9.73 -13.09
CA ASP B 8 11.40 8.75 -12.09
C ASP B 8 12.73 9.10 -11.41
N GLN B 9 13.65 9.64 -12.19
CA GLN B 9 14.97 10.01 -11.67
C GLN B 9 14.90 11.21 -10.74
N ALA B 10 14.13 12.22 -11.13
CA ALA B 10 13.97 13.42 -10.31
C ALA B 10 13.24 13.11 -9.00
N ILE B 11 12.19 12.29 -9.09
CA ILE B 11 11.41 11.94 -7.92
C ILE B 11 12.23 11.06 -6.97
N GLY B 12 12.95 10.10 -7.54
CA GLY B 12 13.83 9.25 -6.76
C GLY B 12 14.90 10.06 -6.05
N LEU B 13 15.32 11.14 -6.71
CA LEU B 13 16.34 12.03 -6.17
C LEU B 13 15.83 12.83 -4.97
N LEU B 14 14.61 13.34 -5.06
CA LEU B 14 14.07 14.17 -3.99
C LEU B 14 13.82 13.32 -2.75
N VAL B 15 13.51 12.05 -2.96
CA VAL B 15 13.35 11.12 -1.85
C VAL B 15 14.71 10.81 -1.21
N ALA B 16 15.71 10.61 -2.05
CA ALA B 16 17.07 10.35 -1.57
C ALA B 16 17.65 11.54 -0.83
N ILE B 17 17.41 12.74 -1.35
CA ILE B 17 17.92 13.97 -0.76
C ILE B 17 17.34 14.20 0.62
N PHE B 18 16.04 13.97 0.76
CA PHE B 18 15.36 14.12 2.03
C PHE B 18 16.00 13.24 3.10
N HIS B 19 16.21 11.98 2.78
CA HIS B 19 16.73 11.02 3.74
C HIS B 19 18.23 11.14 3.96
N LYS B 20 18.92 11.78 3.01
CA LYS B 20 20.35 12.03 3.14
C LYS B 20 20.63 12.92 4.34
N TYR B 21 19.74 13.88 4.57
CA TYR B 21 19.91 14.85 5.64
C TYR B 21 19.10 14.50 6.89
N SER B 22 17.94 13.88 6.70
CA SER B 22 17.04 13.59 7.81
C SER B 22 17.57 12.51 8.74
N GLY B 23 18.49 11.69 8.23
CA GLY B 23 18.99 10.56 9.00
C GLY B 23 20.29 10.84 9.74
N ARG B 24 20.57 12.12 9.97
CA ARG B 24 21.83 12.51 10.60
C ARG B 24 21.68 12.63 12.11
N GLU B 25 20.56 13.18 12.57
CA GLU B 25 20.29 13.24 14.00
C GLU B 25 18.81 13.11 14.30
N GLY B 26 18.51 12.75 15.55
CA GLY B 26 17.13 12.60 16.00
C GLY B 26 16.36 11.60 15.17
N ASP B 27 15.08 11.89 14.98
CA ASP B 27 14.22 11.09 14.11
C ASP B 27 14.83 10.99 12.70
N LYS B 28 15.07 9.77 12.25
CA LYS B 28 15.75 9.54 10.97
C LYS B 28 14.90 9.89 9.75
N HIS B 29 13.63 10.24 9.97
CA HIS B 29 12.74 10.54 8.87
C HIS B 29 12.08 11.91 8.98
N THR B 30 12.68 12.79 9.79
CA THR B 30 12.29 14.19 9.83
C THR B 30 13.54 15.06 9.86
N LEU B 31 13.41 16.29 9.37
CA LEU B 31 14.53 17.23 9.31
C LEU B 31 14.53 18.17 10.51
N SER B 32 15.58 18.11 11.31
CA SER B 32 15.79 19.11 12.35
C SER B 32 16.15 20.44 11.69
N LYS B 33 16.12 21.53 12.45
CA LYS B 33 16.55 22.84 11.95
C LYS B 33 17.93 22.75 11.33
N LYS B 34 18.79 21.99 11.98
CA LYS B 34 20.17 21.80 11.55
C LYS B 34 20.24 21.02 10.25
N GLU B 35 19.46 19.95 10.17
CA GLU B 35 19.43 19.10 8.99
C GLU B 35 18.85 19.85 7.80
N LEU B 36 17.74 20.55 8.02
CA LEU B 36 17.06 21.29 6.96
C LEU B 36 17.94 22.40 6.39
N LYS B 37 18.65 23.10 7.27
CA LYS B 37 19.51 24.20 6.83
C LYS B 37 20.64 23.70 5.95
N GLU B 38 21.21 22.55 6.29
CA GLU B 38 22.25 21.93 5.49
C GLU B 38 21.70 21.52 4.12
N LEU B 39 20.47 20.99 4.11
CA LEU B 39 19.83 20.57 2.88
C LEU B 39 19.65 21.76 1.94
N ILE B 40 19.07 22.83 2.46
CA ILE B 40 18.80 24.03 1.68
C ILE B 40 20.07 24.63 1.10
N GLN B 41 21.08 24.80 1.95
CA GLN B 41 22.32 25.44 1.54
C GLN B 41 23.15 24.61 0.57
N LYS B 42 23.06 23.28 0.68
CA LYS B 42 23.92 22.41 -0.11
C LYS B 42 23.27 21.83 -1.37
N GLU B 43 21.95 21.81 -1.43
CA GLU B 43 21.27 21.12 -2.53
C GLU B 43 20.38 22.03 -3.37
N LEU B 44 19.91 23.14 -2.79
CA LEU B 44 18.95 24.00 -3.47
C LEU B 44 19.55 25.32 -3.94
N THR B 45 19.16 25.73 -5.14
CA THR B 45 19.63 26.98 -5.73
C THR B 45 19.17 28.19 -4.92
N ILE B 46 17.94 28.14 -4.45
CA ILE B 46 17.34 29.26 -3.72
C ILE B 46 18.08 29.58 -2.41
N GLY B 47 18.83 28.61 -1.90
CA GLY B 47 19.50 28.75 -0.62
C GLY B 47 20.84 29.46 -0.67
N SER B 48 21.39 29.62 -1.87
CA SER B 48 22.71 30.22 -2.02
C SER B 48 22.72 31.71 -1.67
N LYS B 49 21.63 32.39 -1.98
CA LYS B 49 21.54 33.83 -1.79
C LYS B 49 20.99 34.19 -0.42
N LEU B 50 20.38 33.22 0.25
CA LEU B 50 19.73 33.47 1.54
C LEU B 50 20.72 33.62 2.69
N GLN B 51 20.45 34.56 3.57
CA GLN B 51 21.25 34.77 4.77
C GLN B 51 20.69 33.96 5.94
N ASP B 52 21.44 33.91 7.04
CA ASP B 52 21.07 33.09 8.19
C ASP B 52 19.69 33.45 8.76
N ALA B 53 19.40 34.74 8.84
CA ALA B 53 18.11 35.20 9.34
C ALA B 53 16.97 34.78 8.41
N GLU B 54 17.24 34.84 7.11
CA GLU B 54 16.27 34.49 6.09
C GLU B 54 15.98 32.99 6.07
N ILE B 55 17.03 32.19 6.29
CA ILE B 55 16.88 30.74 6.34
C ILE B 55 16.09 30.32 7.57
N ALA B 56 16.35 30.99 8.69
CA ALA B 56 15.63 30.72 9.93
C ALA B 56 14.15 31.02 9.78
N ARG B 57 13.84 32.13 9.10
CA ARG B 57 12.46 32.52 8.86
C ARG B 57 11.80 31.52 7.92
N LEU B 58 12.56 31.07 6.91
CA LEU B 58 12.06 30.10 5.96
C LEU B 58 11.75 28.76 6.63
N MET B 59 12.66 28.30 7.47
CA MET B 59 12.49 27.02 8.16
C MET B 59 11.30 27.08 9.10
N GLU B 60 11.05 28.25 9.69
CA GLU B 60 9.92 28.43 10.59
C GLU B 60 8.59 28.28 9.85
N ASP B 61 8.54 28.74 8.60
CA ASP B 61 7.31 28.68 7.82
C ASP B 61 7.12 27.32 7.14
N LEU B 62 8.15 26.47 7.20
CA LEU B 62 8.07 25.11 6.69
C LEU B 62 7.55 24.16 7.75
N ASP B 63 7.77 24.51 9.01
CA ASP B 63 7.31 23.72 10.13
C ASP B 63 5.93 24.21 10.58
N ARG B 64 4.88 23.54 10.09
CA ARG B 64 3.52 24.03 10.28
C ARG B 64 2.95 23.68 11.66
N ASN B 65 3.23 22.49 12.16
CA ASN B 65 2.70 22.07 13.44
C ASN B 65 3.58 22.49 14.61
N LYS B 66 4.70 23.14 14.30
CA LYS B 66 5.60 23.71 15.30
C LYS B 66 6.20 22.68 16.25
N ASP B 67 6.70 21.58 15.70
CA ASP B 67 7.40 20.58 16.50
C ASP B 67 8.91 20.68 16.27
N GLN B 68 9.31 21.77 15.61
CA GLN B 68 10.71 22.06 15.28
C GLN B 68 11.30 21.06 14.29
N GLU B 69 10.43 20.23 13.72
CA GLU B 69 10.84 19.23 12.73
C GLU B 69 10.12 19.46 11.41
N VAL B 70 10.75 19.03 10.32
CA VAL B 70 10.10 19.08 9.01
C VAL B 70 9.98 17.68 8.44
N ASN B 71 8.73 17.17 8.36
CA ASN B 71 8.50 15.84 7.84
C ASN B 71 8.43 15.85 6.32
N PHE B 72 8.24 14.68 5.72
CA PHE B 72 8.24 14.57 4.26
C PHE B 72 7.14 15.40 3.63
N GLN B 73 5.98 15.43 4.29
CA GLN B 73 4.84 16.20 3.80
C GLN B 73 5.13 17.69 3.75
N GLU B 74 5.64 18.23 4.85
CA GLU B 74 6.03 19.63 4.94
C GLU B 74 7.11 19.94 3.90
N TYR B 75 7.92 18.93 3.59
CA TYR B 75 9.02 19.03 2.64
C TYR B 75 8.52 18.99 1.19
N VAL B 76 7.46 18.22 0.95
CA VAL B 76 6.89 18.10 -0.38
C VAL B 76 6.25 19.40 -0.81
N THR B 77 5.46 20.01 0.07
CA THR B 77 4.79 21.26 -0.25
C THR B 77 5.82 22.37 -0.48
N PHE B 78 6.96 22.24 0.20
CA PHE B 78 8.06 23.16 0.01
C PHE B 78 8.56 23.09 -1.43
N LEU B 79 8.77 21.87 -1.92
CA LEU B 79 9.22 21.68 -3.29
C LEU B 79 8.17 22.14 -4.29
N GLY B 80 6.89 21.95 -3.94
CA GLY B 80 5.79 22.38 -4.77
C GLY B 80 5.80 23.88 -5.00
N ALA B 81 6.01 24.63 -3.92
CA ALA B 81 6.14 26.08 -4.01
C ALA B 81 7.38 26.45 -4.82
N LEU B 82 8.47 25.74 -4.54
CA LEU B 82 9.75 25.99 -5.20
C LEU B 82 9.65 25.82 -6.72
N ALA B 83 8.82 24.87 -7.14
CA ALA B 83 8.65 24.58 -8.57
C ALA B 83 8.10 25.79 -9.33
N LEU B 84 7.13 26.47 -8.73
CA LEU B 84 6.51 27.64 -9.35
C LEU B 84 7.39 28.88 -9.20
N ILE B 85 8.11 28.97 -8.08
CA ILE B 85 9.01 30.09 -7.85
C ILE B 85 10.16 30.03 -8.86
N TYR B 86 10.71 28.84 -9.04
CA TYR B 86 11.73 28.62 -10.06
C TYR B 86 11.16 28.85 -11.46
N ASN B 87 9.89 28.48 -11.64
CA ASN B 87 9.23 28.60 -12.94
C ASN B 87 9.14 30.05 -13.42
N GLU B 88 8.86 30.96 -12.50
CA GLU B 88 8.81 32.39 -12.83
C GLU B 88 10.19 32.91 -13.19
N ALA B 89 11.20 32.45 -12.45
CA ALA B 89 12.57 32.88 -12.66
C ALA B 89 13.10 32.45 -14.03
N LEU B 90 12.60 31.31 -14.52
CA LEU B 90 13.05 30.78 -15.80
C LEU B 90 12.37 31.47 -16.99
N LYS B 91 11.37 32.30 -16.69
CA LYS B 91 10.75 33.13 -17.72
C LYS B 91 11.68 34.28 -18.09
N GLY B 92 12.03 35.08 -17.09
CA GLY B 92 12.93 36.21 -17.29
C GLY B 92 13.30 36.87 -15.97
ZN ZN C . 5.64 1.46 -11.25
ZN ZN D . -20.45 -10.98 12.57
ZN ZN E . -25.01 -5.11 -11.01
ZN ZN F . 46.06 3.41 17.59
CL CL G . 10.15 9.76 5.56
CL CL H . 5.95 -0.12 -9.95
CL CL I . 6.78 1.34 -12.96
CL CL J . 46.97 3.03 19.41
C ACT K . 7.33 -2.31 -6.44
O ACT K . 8.35 -2.28 -7.16
OXT ACT K . 6.46 -3.16 -6.77
CH3 ACT K . 7.15 -1.41 -5.26
C ACT L . -50.12 -12.39 -1.73
O ACT L . -49.22 -12.10 -0.91
OXT ACT L . -50.64 -13.52 -1.61
CH3 ACT L . -50.55 -11.43 -2.81
C ACT M . -38.72 -21.82 1.12
O ACT M . -37.51 -21.74 1.46
OXT ACT M . -39.08 -21.07 0.18
CH3 ACT M . -39.68 -22.74 1.80
ZN ZN N . 11.43 8.14 5.23
ZN ZN O . 8.90 9.33 -18.46
ZN ZN P . 23.21 16.68 -3.60
CL CL Q . 25.22 16.52 -4.08
CA CA R . 16.52 13.88 11.61
CA CA S . 6.71 19.89 11.51
#